data_4KVK
#
_entry.id   4KVK
#
_cell.length_a   72.460
_cell.length_b   128.583
_cell.length_c   188.740
_cell.angle_alpha   90.00
_cell.angle_beta   90.00
_cell.angle_gamma   90.00
#
_symmetry.space_group_name_H-M   'I 2 2 2'
#
loop_
_entity.id
_entity.type
_entity.pdbx_description
1 polymer 'Fatty acid alpha-oxidase'
2 non-polymer 'PROTOPORPHYRIN IX CONTAINING FE'
3 non-polymer DECYL-BETA-D-MALTOPYRANOSIDE
4 non-polymer 'TETRAETHYLENE GLYCOL'
5 non-polymer DI(HYDROXYETHYL)ETHER
6 non-polymer 'PENTAETHYLENE GLYCOL'
7 non-polymer 'TRIETHYLENE GLYCOL'
8 non-polymer 'CALCIUM ION'
9 non-polymer 'CHLORIDE ION'
10 non-polymer 'SODIUM ION'
11 water water
#
_entity_poly.entity_id   1
_entity_poly.type   'polypeptide(L)'
_entity_poly.pdbx_seq_one_letter_code
;MRGSHHHHHHGSVHPDLRDVFSKMSFFDKIGFLFIHAFDKRNLWHKVPVPIGLLYLNTRRTLLEKYNLLAVGRSSHGALF
DPKEFLYRTEDGKYNDPHNAEAGSQNTFFGRNMEPVDQQDELMSPDPFVVATKLLARREYKDTGKQFNILAAAWIQFMVH
DWMDHMEDTGQIGITAPKEVANECPLKSFKFHPTKELPTNSDGIKIGHYNIRTAWWDGSAVYGNNEERAEKLRTYVDGKL
VIGDDGLLLHKENGVALSGDIRNSWAGVSILQALFVKEHNAVCDAIKEEHPNLSDEELYRYAKLVTSAVIAKVHTIDWTV
ELLKTKTMRAAMRANWYGLLGKKIKDTFGHIGGPILGGLVGLKKPNNHGVPYSLTEEFTSVYRMHSLIPSTLKLRDPTGQ
PDANNSPPCLEDIDIGEMIGLKGEEQLSKIGFEKQALSMGYQACGALELWNYPSFFRNLIPQNLDGTNRSDRIDLAALEV
YRDRERSVPRYNEFRRRLFLIPIKSWEDLTSDKDAIETIRAIYGDDVEKLDLLVGLMAEKKIKGFAISETAFNIFILMAS
RRLEADRFFTSNFNEETYTKKGMQWVKTTEGLRDVINRHYPEITAKWMKSSSAFSVWDADY
;
_entity_poly.pdbx_strand_id   A
#
# COMPACT_ATOMS: atom_id res chain seq x y z
N GLY A 11 38.65 1.33 8.78
CA GLY A 11 37.85 0.56 7.79
C GLY A 11 36.78 1.41 7.12
N SER A 12 36.85 1.49 5.81
CA SER A 12 35.97 2.35 5.00
C SER A 12 34.51 1.87 5.01
N VAL A 13 34.30 0.63 4.58
CA VAL A 13 32.98 0.02 4.49
C VAL A 13 32.58 -0.59 5.85
N HIS A 14 31.31 -0.44 6.24
CA HIS A 14 30.81 -1.12 7.46
C HIS A 14 31.15 -2.61 7.41
N PRO A 15 31.66 -3.19 8.54
CA PRO A 15 32.09 -4.58 8.57
C PRO A 15 31.06 -5.57 8.04
N ASP A 16 29.78 -5.31 8.33
CA ASP A 16 28.71 -6.21 7.91
C ASP A 16 28.43 -6.18 6.40
N LEU A 17 28.94 -5.16 5.72
CA LEU A 17 28.74 -5.01 4.28
C LEU A 17 30.03 -5.27 3.47
N ARG A 18 31.12 -5.57 4.16
CA ARG A 18 32.41 -5.82 3.50
C ARG A 18 32.40 -7.05 2.59
N ASP A 19 31.71 -8.11 3.02
CA ASP A 19 31.65 -9.33 2.24
C ASP A 19 30.95 -9.11 0.89
N VAL A 20 29.78 -8.47 0.91
CA VAL A 20 29.05 -8.21 -0.32
C VAL A 20 29.80 -7.20 -1.21
N PHE A 21 30.36 -6.17 -0.59
CA PHE A 21 31.20 -5.21 -1.30
C PHE A 21 32.35 -5.89 -2.08
N SER A 22 33.01 -6.86 -1.44
CA SER A 22 34.15 -7.57 -2.03
CA SER A 22 34.14 -7.56 -2.04
C SER A 22 33.76 -8.37 -3.27
N LYS A 23 32.48 -8.74 -3.36
CA LYS A 23 31.98 -9.54 -4.47
C LYS A 23 31.34 -8.70 -5.57
N MET A 24 31.20 -7.40 -5.33
CA MET A 24 30.57 -6.50 -6.31
C MET A 24 31.44 -6.29 -7.53
N SER A 25 30.79 -6.05 -8.66
CA SER A 25 31.47 -5.60 -9.86
C SER A 25 32.02 -4.20 -9.58
N PHE A 26 32.99 -3.77 -10.38
CA PHE A 26 33.55 -2.44 -10.23
C PHE A 26 32.47 -1.35 -10.26
N PHE A 27 31.54 -1.45 -11.20
CA PHE A 27 30.46 -0.46 -11.33
C PHE A 27 29.53 -0.42 -10.10
N ASP A 28 29.23 -1.59 -9.53
CA ASP A 28 28.42 -1.62 -8.33
C ASP A 28 29.20 -1.10 -7.12
N LYS A 29 30.51 -1.39 -7.07
CA LYS A 29 31.36 -0.87 -6.00
C LYS A 29 31.27 0.65 -5.93
N ILE A 30 31.31 1.30 -7.09
CA ILE A 30 31.23 2.76 -7.20
C ILE A 30 29.91 3.29 -6.65
N GLY A 31 28.80 2.70 -7.08
CA GLY A 31 27.48 3.10 -6.60
C GLY A 31 27.35 2.88 -5.10
N PHE A 32 27.81 1.73 -4.63
CA PHE A 32 27.73 1.44 -3.21
C PHE A 32 28.55 2.41 -2.36
N LEU A 33 29.77 2.73 -2.81
CA LEU A 33 30.62 3.63 -2.03
C LEU A 33 30.00 5.02 -1.99
N PHE A 34 29.37 5.42 -3.09
CA PHE A 34 28.67 6.69 -3.14
C PHE A 34 27.53 6.75 -2.12
N ILE A 35 26.64 5.76 -2.13
CA ILE A 35 25.52 5.78 -1.18
C ILE A 35 26.02 5.61 0.27
N HIS A 36 27.02 4.76 0.45
CA HIS A 36 27.54 4.46 1.78
C HIS A 36 28.22 5.68 2.42
N ALA A 37 28.83 6.53 1.60
CA ALA A 37 29.43 7.77 2.08
C ALA A 37 28.39 8.66 2.78
N PHE A 38 27.21 8.80 2.17
CA PHE A 38 26.10 9.52 2.80
C PHE A 38 25.56 8.78 4.03
N ASP A 39 25.34 7.47 3.89
CA ASP A 39 24.70 6.67 4.95
C ASP A 39 25.46 6.64 6.27
N LYS A 40 26.79 6.58 6.17
CA LYS A 40 27.66 6.57 7.36
C LYS A 40 27.52 7.87 8.15
N ARG A 41 27.14 8.94 7.45
CA ARG A 41 26.95 10.20 8.12
C ARG A 41 25.47 10.64 8.18
N ASN A 42 24.55 9.76 7.78
CA ASN A 42 23.11 10.06 7.80
C ASN A 42 22.81 11.36 7.03
N LEU A 43 23.28 11.42 5.78
CA LEU A 43 23.27 12.67 5.02
C LEU A 43 22.37 12.76 3.80
N TRP A 44 21.91 11.63 3.25
CA TRP A 44 21.20 11.70 1.95
C TRP A 44 20.03 12.68 1.92
N HIS A 45 19.30 12.74 3.03
CA HIS A 45 18.09 13.56 3.13
C HIS A 45 18.39 14.99 3.60
N LYS A 46 19.67 15.29 3.80
CA LYS A 46 20.11 16.60 4.31
C LYS A 46 20.85 17.41 3.25
N VAL A 47 20.81 16.96 2.00
CA VAL A 47 21.51 17.66 0.92
C VAL A 47 20.48 18.19 -0.09
N PRO A 48 20.88 19.15 -0.95
CA PRO A 48 19.97 19.66 -1.98
C PRO A 48 19.41 18.56 -2.88
N VAL A 49 18.24 18.83 -3.44
CA VAL A 49 17.49 17.87 -4.27
C VAL A 49 18.31 17.10 -5.34
N PRO A 50 19.15 17.78 -6.16
CA PRO A 50 19.86 17.07 -7.22
C PRO A 50 20.76 15.94 -6.69
N ILE A 51 21.47 16.18 -5.60
CA ILE A 51 22.32 15.14 -4.99
C ILE A 51 21.46 14.04 -4.35
N GLY A 52 20.40 14.44 -3.66
CA GLY A 52 19.46 13.48 -3.10
C GLY A 52 18.92 12.52 -4.15
N LEU A 53 18.59 13.07 -5.32
CA LEU A 53 18.07 12.26 -6.42
C LEU A 53 19.13 11.30 -6.97
N LEU A 54 20.37 11.79 -7.10
CA LEU A 54 21.46 10.95 -7.55
C LEU A 54 21.65 9.78 -6.56
N TYR A 55 21.62 10.11 -5.27
CA TYR A 55 21.68 9.08 -4.23
C TYR A 55 20.58 8.02 -4.40
N LEU A 56 19.33 8.49 -4.57
CA LEU A 56 18.19 7.58 -4.68
C LEU A 56 18.28 6.70 -5.90
N ASN A 57 18.67 7.27 -7.05
CA ASN A 57 18.77 6.46 -8.27
C ASN A 57 19.89 5.41 -8.15
N THR A 58 20.97 5.79 -7.52
CA THR A 58 22.12 4.90 -7.30
C THR A 58 21.73 3.74 -6.36
N ARG A 59 21.06 4.08 -5.27
CA ARG A 59 20.56 3.09 -4.34
C ARG A 59 19.53 2.18 -5.03
N ARG A 60 18.63 2.77 -5.82
CA ARG A 60 17.65 1.96 -6.57
C ARG A 60 18.29 0.93 -7.53
N THR A 61 19.31 1.36 -8.26
CA THR A 61 19.98 0.48 -9.21
C THR A 61 20.57 -0.73 -8.50
N LEU A 62 21.22 -0.49 -7.35
CA LEU A 62 21.80 -1.56 -6.53
C LEU A 62 20.72 -2.55 -6.03
N LEU A 63 19.63 -2.01 -5.48
CA LEU A 63 18.51 -2.83 -5.04
C LEU A 63 17.91 -3.66 -6.16
N GLU A 64 17.81 -3.08 -7.36
CA GLU A 64 17.25 -3.79 -8.49
C GLU A 64 18.10 -5.00 -8.87
N LYS A 65 19.41 -4.88 -8.66
CA LYS A 65 20.35 -5.95 -8.95
C LYS A 65 20.41 -7.02 -7.85
N TYR A 66 20.39 -6.60 -6.59
CA TYR A 66 20.61 -7.53 -5.48
C TYR A 66 19.36 -7.95 -4.71
N ASN A 67 18.25 -7.24 -4.91
CA ASN A 67 17.07 -7.43 -4.07
C ASN A 67 15.79 -7.79 -4.81
N LEU A 68 15.94 -8.49 -5.93
CA LEU A 68 14.80 -9.06 -6.63
C LEU A 68 15.02 -10.57 -6.81
N LEU A 69 14.27 -11.36 -6.04
CA LEU A 69 14.45 -12.81 -6.04
C LEU A 69 13.19 -13.51 -6.48
N ALA A 70 13.33 -14.37 -7.48
CA ALA A 70 12.22 -15.17 -8.00
C ALA A 70 11.82 -16.22 -6.99
N VAL A 71 10.51 -16.47 -6.90
CA VAL A 71 10.00 -17.60 -6.12
C VAL A 71 9.14 -18.43 -7.07
N GLY A 72 9.55 -19.67 -7.27
CA GLY A 72 8.93 -20.53 -8.27
C GLY A 72 9.68 -20.45 -9.59
N ARG A 73 9.39 -21.39 -10.49
CA ARG A 73 10.08 -21.49 -11.78
C ARG A 73 9.78 -20.30 -12.69
N SER A 74 10.85 -19.66 -13.18
CA SER A 74 10.76 -18.45 -14.00
C SER A 74 10.54 -18.76 -15.49
N SER A 75 10.73 -20.01 -15.88
CA SER A 75 10.60 -20.44 -17.28
C SER A 75 9.14 -20.63 -17.73
N HIS A 76 8.23 -19.82 -17.18
CA HIS A 76 6.81 -19.91 -17.55
C HIS A 76 6.61 -19.74 -19.05
N GLY A 77 6.31 -20.86 -19.72
CA GLY A 77 6.27 -20.95 -21.17
C GLY A 77 5.08 -20.31 -21.85
N ALA A 78 3.89 -20.46 -21.25
CA ALA A 78 2.60 -20.04 -21.84
C ALA A 78 2.69 -18.88 -22.87
N LEU A 79 2.62 -19.25 -24.15
CA LEU A 79 2.88 -18.33 -25.26
C LEU A 79 1.63 -17.57 -25.72
N PHE A 80 1.78 -16.27 -25.94
CA PHE A 80 0.66 -15.44 -26.39
C PHE A 80 1.11 -14.19 -27.14
N ASP A 81 0.20 -13.61 -27.92
CA ASP A 81 0.44 -12.36 -28.63
C ASP A 81 -0.10 -11.18 -27.81
N PRO A 82 0.77 -10.23 -27.42
CA PRO A 82 0.35 -9.05 -26.64
C PRO A 82 -0.73 -8.23 -27.32
N LYS A 83 -0.76 -8.24 -28.65
CA LYS A 83 -1.72 -7.45 -29.41
C LYS A 83 -3.14 -8.03 -29.32
N GLU A 84 -3.24 -9.26 -28.83
CA GLU A 84 -4.52 -9.91 -28.55
C GLU A 84 -5.09 -9.53 -27.18
N PHE A 85 -4.25 -8.94 -26.33
CA PHE A 85 -4.67 -8.55 -24.98
C PHE A 85 -4.28 -7.10 -24.70
N LEU A 86 -5.04 -6.17 -25.27
CA LEU A 86 -4.75 -4.75 -25.15
C LEU A 86 -5.56 -4.09 -24.03
N TYR A 87 -5.89 -4.90 -23.02
CA TYR A 87 -6.70 -4.47 -21.89
C TYR A 87 -6.20 -5.20 -20.64
N ARG A 88 -6.59 -4.71 -19.47
CA ARG A 88 -6.21 -5.35 -18.22
C ARG A 88 -7.18 -6.48 -17.90
N THR A 89 -6.65 -7.70 -17.84
CA THR A 89 -7.49 -8.88 -17.64
C THR A 89 -7.97 -8.97 -16.20
N GLU A 90 -9.07 -9.68 -16.01
CA GLU A 90 -9.71 -9.81 -14.71
C GLU A 90 -8.81 -10.51 -13.69
N ASP A 91 -8.04 -11.48 -14.15
CA ASP A 91 -7.17 -12.26 -13.27
C ASP A 91 -5.70 -11.80 -13.28
N GLY A 92 -5.39 -10.80 -14.09
CA GLY A 92 -4.03 -10.23 -14.14
C GLY A 92 -3.06 -10.94 -15.06
N LYS A 93 -3.55 -11.94 -15.79
CA LYS A 93 -2.74 -12.64 -16.78
C LYS A 93 -2.52 -11.80 -18.04
N TYR A 94 -1.54 -12.23 -18.84
CA TYR A 94 -1.30 -11.70 -20.19
C TYR A 94 -0.84 -10.25 -20.24
N ASN A 95 -0.12 -9.85 -19.20
CA ASN A 95 0.50 -8.52 -19.18
C ASN A 95 1.91 -8.56 -19.74
N ASP A 96 2.79 -9.32 -19.08
CA ASP A 96 4.17 -9.50 -19.50
C ASP A 96 4.21 -10.42 -20.73
N PRO A 97 4.62 -9.87 -21.90
CA PRO A 97 4.65 -10.60 -23.18
C PRO A 97 5.47 -11.89 -23.14
N HIS A 98 6.43 -11.96 -22.22
CA HIS A 98 7.28 -13.13 -22.03
C HIS A 98 6.76 -14.08 -20.96
N ASN A 99 5.75 -13.65 -20.22
CA ASN A 99 5.30 -14.42 -19.06
C ASN A 99 3.82 -14.16 -18.75
N ALA A 100 2.97 -15.02 -19.30
CA ALA A 100 1.52 -14.87 -19.17
C ALA A 100 1.03 -14.90 -17.73
N GLU A 101 1.81 -15.53 -16.84
CA GLU A 101 1.42 -15.74 -15.45
C GLU A 101 1.81 -14.60 -14.50
N ALA A 102 2.81 -13.81 -14.90
CA ALA A 102 3.37 -12.78 -14.04
C ALA A 102 2.32 -11.78 -13.56
N GLY A 103 2.24 -11.59 -12.25
CA GLY A 103 1.34 -10.60 -11.66
C GLY A 103 -0.12 -11.01 -11.58
N SER A 104 -0.44 -12.23 -12.03
CA SER A 104 -1.80 -12.73 -11.96
C SER A 104 -2.11 -13.26 -10.57
N GLN A 105 -3.40 -13.43 -10.28
CA GLN A 105 -3.79 -13.95 -8.97
C GLN A 105 -3.39 -15.42 -8.80
N ASN A 106 -3.24 -15.83 -7.56
CA ASN A 106 -2.80 -17.19 -7.22
C ASN A 106 -1.43 -17.52 -7.80
N THR A 107 -0.45 -16.65 -7.48
CA THR A 107 0.94 -16.88 -7.87
C THR A 107 1.80 -16.56 -6.67
N PHE A 108 3.02 -17.06 -6.66
CA PHE A 108 3.96 -16.84 -5.56
C PHE A 108 4.31 -15.37 -5.34
N PHE A 109 4.34 -14.95 -4.08
CA PHE A 109 5.06 -13.74 -3.72
C PHE A 109 6.54 -13.99 -4.00
N GLY A 110 7.20 -13.03 -4.64
CA GLY A 110 8.65 -13.07 -4.74
C GLY A 110 9.25 -12.63 -3.41
N ARG A 111 10.56 -12.46 -3.41
CA ARG A 111 11.24 -11.92 -2.24
C ARG A 111 12.23 -10.85 -2.63
N ASN A 112 12.48 -9.94 -1.68
CA ASN A 112 13.54 -8.97 -1.81
C ASN A 112 14.82 -9.42 -1.11
N MET A 113 14.72 -10.45 -0.28
CA MET A 113 15.84 -10.98 0.50
C MET A 113 15.68 -12.48 0.67
N GLU A 114 16.81 -13.17 0.81
CA GLU A 114 16.78 -14.59 1.15
C GLU A 114 16.03 -14.81 2.45
N PRO A 115 15.15 -15.82 2.49
CA PRO A 115 14.36 -16.08 3.72
C PRO A 115 15.25 -16.39 4.91
N VAL A 116 14.77 -16.09 6.12
CA VAL A 116 15.44 -16.47 7.35
C VAL A 116 14.50 -17.37 8.12
N ASP A 117 14.86 -18.65 8.23
CA ASP A 117 14.04 -19.66 8.89
C ASP A 117 13.91 -19.33 10.37
N GLN A 118 12.67 -19.15 10.82
CA GLN A 118 12.41 -18.80 12.21
C GLN A 118 11.47 -19.79 12.88
N GLN A 119 11.40 -21.01 12.34
CA GLN A 119 10.45 -22.02 12.79
C GLN A 119 10.65 -22.41 14.26
N ASP A 120 11.86 -22.24 14.76
CA ASP A 120 12.19 -22.54 16.16
C ASP A 120 12.06 -21.32 17.07
N GLU A 121 11.66 -20.18 16.50
CA GLU A 121 11.57 -18.94 17.28
CA GLU A 121 11.61 -18.92 17.22
C GLU A 121 10.31 -18.14 16.95
N LEU A 122 9.31 -18.83 16.39
CA LEU A 122 8.03 -18.19 16.05
C LEU A 122 7.36 -17.48 17.20
N MET A 123 7.62 -17.95 18.43
CA MET A 123 6.94 -17.43 19.62
C MET A 123 7.91 -16.71 20.56
N SER A 124 9.08 -16.34 20.03
CA SER A 124 10.14 -15.76 20.84
CA SER A 124 10.14 -15.76 20.84
C SER A 124 10.57 -14.38 20.33
N PRO A 125 10.30 -13.31 21.12
CA PRO A 125 9.52 -13.29 22.37
C PRO A 125 8.04 -13.41 22.04
N ASP A 126 7.21 -13.55 23.06
CA ASP A 126 5.79 -13.83 22.84
C ASP A 126 5.05 -12.68 22.13
N PRO A 127 4.30 -13.02 21.06
CA PRO A 127 3.56 -12.01 20.29
C PRO A 127 2.60 -11.16 21.13
N PHE A 128 1.92 -11.76 22.11
CA PHE A 128 1.04 -11.01 23.02
C PHE A 128 1.82 -10.02 23.88
N VAL A 129 2.99 -10.42 24.33
CA VAL A 129 3.87 -9.54 25.09
C VAL A 129 4.29 -8.34 24.22
N VAL A 130 4.75 -8.63 23.00
CA VAL A 130 5.11 -7.58 22.06
C VAL A 130 3.92 -6.65 21.82
N ALA A 131 2.78 -7.22 21.47
CA ALA A 131 1.57 -6.45 21.23
C ALA A 131 1.19 -5.56 22.41
N THR A 132 1.21 -6.15 23.62
CA THR A 132 0.77 -5.48 24.84
C THR A 132 1.72 -4.37 25.31
N LYS A 133 3.03 -4.67 25.30
CA LYS A 133 4.01 -3.79 25.92
C LYS A 133 4.60 -2.76 24.96
N LEU A 134 4.59 -3.05 23.67
CA LEU A 134 5.24 -2.20 22.67
C LEU A 134 4.32 -1.54 21.68
N LEU A 135 3.21 -2.21 21.35
CA LEU A 135 2.33 -1.74 20.27
C LEU A 135 1.05 -1.06 20.74
N ALA A 136 0.40 -1.62 21.76
CA ALA A 136 -0.89 -1.14 22.24
C ALA A 136 -0.92 0.36 22.49
N ARG A 137 -1.88 1.04 21.86
CA ARG A 137 -1.99 2.49 21.97
C ARG A 137 -2.06 3.01 23.41
N ARG A 138 -1.13 3.91 23.77
CA ARG A 138 -1.17 4.57 25.07
CA ARG A 138 -1.14 4.59 25.06
C ARG A 138 -1.67 6.00 24.86
N GLU A 139 -0.77 6.98 24.90
CA GLU A 139 -1.11 8.34 24.51
CA GLU A 139 -1.14 8.33 24.50
C GLU A 139 -1.24 8.37 22.98
N TYR A 140 -2.35 8.88 22.47
CA TYR A 140 -2.56 8.88 21.04
C TYR A 140 -1.61 9.85 20.30
N LYS A 141 -0.98 9.35 19.24
CA LYS A 141 -0.08 10.17 18.42
C LYS A 141 -0.61 10.32 16.99
N ASP A 142 -0.65 11.55 16.51
CA ASP A 142 -1.09 11.81 15.14
C ASP A 142 -0.03 12.53 14.28
N THR A 143 -0.37 12.80 13.02
CA THR A 143 0.58 13.35 12.06
C THR A 143 0.53 14.88 11.95
N GLY A 144 -0.25 15.53 12.82
CA GLY A 144 -0.40 16.99 12.75
C GLY A 144 -1.33 17.38 11.60
N LYS A 145 -0.81 18.07 10.59
CA LYS A 145 -1.58 18.43 9.39
C LYS A 145 -1.18 17.56 8.19
N GLN A 146 -0.12 16.77 8.35
CA GLN A 146 0.53 16.15 7.19
C GLN A 146 -0.33 15.15 6.42
N PHE A 147 -1.09 14.35 7.15
CA PHE A 147 -1.72 13.16 6.60
C PHE A 147 -3.03 12.93 7.34
N ASN A 148 -4.14 12.90 6.61
CA ASN A 148 -5.46 12.80 7.23
C ASN A 148 -6.01 11.37 7.18
N ILE A 149 -7.26 11.21 7.59
CA ILE A 149 -7.85 9.88 7.62
C ILE A 149 -8.16 9.34 6.21
N LEU A 150 -8.41 10.23 5.25
CA LEU A 150 -8.52 9.82 3.83
C LEU A 150 -7.22 9.19 3.34
N ALA A 151 -6.09 9.69 3.83
CA ALA A 151 -4.79 9.12 3.50
C ALA A 151 -4.62 7.72 4.12
N ALA A 152 -5.16 7.53 5.33
CA ALA A 152 -5.12 6.20 5.96
C ALA A 152 -6.03 5.22 5.25
N ALA A 153 -7.21 5.70 4.84
CA ALA A 153 -8.15 4.88 4.08
C ALA A 153 -7.57 4.54 2.70
N TRP A 154 -6.92 5.52 2.08
CA TRP A 154 -6.30 5.33 0.77
C TRP A 154 -5.33 4.13 0.79
N ILE A 155 -4.45 4.10 1.78
CA ILE A 155 -3.40 3.07 1.77
C ILE A 155 -3.95 1.67 2.04
N GLN A 156 -5.05 1.56 2.80
CA GLN A 156 -5.72 0.27 2.94
C GLN A 156 -6.43 -0.10 1.63
N PHE A 157 -7.13 0.86 1.05
CA PHE A 157 -7.78 0.75 -0.28
C PHE A 157 -6.77 0.20 -1.31
N MET A 158 -5.51 0.62 -1.19
CA MET A 158 -4.40 0.07 -1.99
C MET A 158 -3.99 -1.33 -1.48
N VAL A 159 -3.57 -1.41 -0.22
CA VAL A 159 -2.83 -2.55 0.29
C VAL A 159 -3.67 -3.82 0.45
N HIS A 160 -4.85 -3.70 1.04
CA HIS A 160 -5.77 -4.86 1.16
C HIS A 160 -6.22 -5.36 -0.23
N ASP A 161 -6.08 -4.50 -1.24
CA ASP A 161 -6.33 -4.86 -2.63
C ASP A 161 -5.12 -5.51 -3.33
N TRP A 162 -3.92 -4.97 -3.09
CA TRP A 162 -2.71 -5.43 -3.78
C TRP A 162 -2.28 -6.84 -3.36
N MET A 163 -2.43 -7.13 -2.06
CA MET A 163 -1.87 -8.33 -1.46
C MET A 163 -2.77 -8.98 -0.43
N ASP A 164 -2.92 -10.30 -0.56
CA ASP A 164 -3.63 -11.12 0.41
C ASP A 164 -3.07 -12.54 0.32
N HIS A 165 -2.46 -12.99 1.41
CA HIS A 165 -1.81 -14.29 1.45
C HIS A 165 -2.84 -15.41 1.53
N MET A 166 -2.68 -16.42 0.67
CA MET A 166 -3.51 -17.61 0.73
C MET A 166 -3.30 -18.31 2.07
N GLU A 167 -4.42 -18.72 2.68
CA GLU A 167 -4.43 -19.35 3.99
C GLU A 167 -4.57 -20.86 3.88
N ASP A 168 -3.98 -21.55 4.85
CA ASP A 168 -4.23 -22.98 5.07
C ASP A 168 -5.65 -23.12 5.59
N THR A 169 -6.32 -24.24 5.28
CA THR A 169 -7.70 -24.45 5.73
C THR A 169 -7.77 -24.78 7.23
N GLY A 170 -6.74 -25.43 7.75
CA GLY A 170 -6.64 -25.74 9.17
C GLY A 170 -6.45 -24.50 10.03
N GLN A 171 -6.50 -24.69 11.34
CA GLN A 171 -6.34 -23.60 12.29
C GLN A 171 -5.25 -23.92 13.30
N ILE A 172 -4.62 -22.87 13.81
CA ILE A 172 -3.80 -22.99 15.00
C ILE A 172 -4.26 -21.92 15.99
N GLY A 173 -3.77 -22.00 17.22
CA GLY A 173 -4.15 -21.03 18.23
C GLY A 173 -2.97 -20.67 19.10
N ILE A 174 -2.98 -19.43 19.62
CA ILE A 174 -1.99 -19.01 20.59
C ILE A 174 -2.68 -18.41 21.81
N THR A 175 -2.03 -18.53 22.97
CA THR A 175 -2.62 -18.13 24.25
C THR A 175 -1.77 -17.06 24.91
N ALA A 176 -2.40 -16.01 25.44
CA ALA A 176 -1.65 -14.96 26.14
C ALA A 176 -0.99 -15.53 27.41
N PRO A 177 0.32 -15.28 27.58
CA PRO A 177 1.00 -15.75 28.79
C PRO A 177 0.53 -14.99 30.04
N LYS A 178 0.71 -15.63 31.21
CA LYS A 178 0.29 -15.11 32.51
C LYS A 178 0.67 -13.65 32.75
N GLU A 179 1.88 -13.28 32.35
CA GLU A 179 2.45 -11.96 32.59
C GLU A 179 1.68 -10.81 31.96
N VAL A 180 0.99 -11.08 30.85
CA VAL A 180 0.29 -10.01 30.12
C VAL A 180 -1.21 -10.26 29.89
N ALA A 181 -1.70 -11.42 30.29
CA ALA A 181 -3.09 -11.83 30.01
C ALA A 181 -4.13 -10.83 30.53
N ASN A 182 -3.92 -10.33 31.75
CA ASN A 182 -4.84 -9.38 32.34
C ASN A 182 -4.94 -8.08 31.53
N GLU A 183 -3.95 -7.85 30.68
CA GLU A 183 -3.92 -6.65 29.84
C GLU A 183 -4.33 -6.92 28.40
N CYS A 184 -4.58 -8.18 28.05
CA CYS A 184 -5.00 -8.53 26.69
C CYS A 184 -6.51 -8.56 26.56
N PRO A 185 -7.07 -7.79 25.59
CA PRO A 185 -8.50 -7.89 25.30
C PRO A 185 -8.96 -9.31 24.93
N LEU A 186 -8.07 -10.09 24.31
CA LEU A 186 -8.34 -11.51 24.07
C LEU A 186 -7.33 -12.36 24.81
N LYS A 187 -7.79 -13.43 25.43
CA LYS A 187 -6.90 -14.28 26.24
C LYS A 187 -6.23 -15.35 25.39
N SER A 188 -6.82 -15.62 24.23
CA SER A 188 -6.25 -16.52 23.24
C SER A 188 -6.99 -16.24 21.94
N PHE A 189 -6.43 -16.69 20.82
CA PHE A 189 -7.15 -16.63 19.56
C PHE A 189 -6.69 -17.69 18.55
N LYS A 190 -7.59 -18.03 17.64
CA LYS A 190 -7.31 -18.98 16.57
C LYS A 190 -7.19 -18.23 15.25
N PHE A 191 -6.40 -18.81 14.34
CA PHE A 191 -6.19 -18.26 12.99
C PHE A 191 -5.70 -19.36 12.03
N HIS A 192 -5.74 -19.07 10.74
CA HIS A 192 -5.27 -20.00 9.71
C HIS A 192 -3.80 -19.70 9.41
N PRO A 193 -2.93 -20.73 9.44
CA PRO A 193 -1.54 -20.55 9.00
C PRO A 193 -1.49 -20.07 7.55
N THR A 194 -0.43 -19.36 7.19
CA THR A 194 -0.18 -19.00 5.80
C THR A 194 0.09 -20.29 5.04
N LYS A 195 -0.57 -20.47 3.88
CA LYS A 195 -0.35 -21.67 3.09
C LYS A 195 1.07 -21.72 2.53
N GLU A 196 1.76 -22.83 2.80
CA GLU A 196 3.08 -23.09 2.22
C GLU A 196 2.91 -23.97 0.99
N LEU A 197 3.55 -23.59 -0.11
CA LEU A 197 3.48 -24.33 -1.36
C LEU A 197 4.90 -24.58 -1.85
N PRO A 198 5.22 -25.83 -2.27
CA PRO A 198 6.56 -26.08 -2.79
C PRO A 198 6.75 -25.39 -4.14
N THR A 199 7.93 -24.82 -4.36
CA THR A 199 8.22 -24.12 -5.61
C THR A 199 8.60 -25.08 -6.73
N ASN A 200 9.16 -26.24 -6.37
CA ASN A 200 9.73 -27.21 -7.33
C ASN A 200 10.82 -26.58 -8.18
N SER A 201 11.68 -25.78 -7.53
CA SER A 201 12.68 -24.97 -8.19
C SER A 201 14.03 -25.09 -7.48
N ASP A 202 15.09 -24.62 -8.17
CA ASP A 202 16.47 -24.69 -7.69
C ASP A 202 16.76 -23.85 -6.43
N GLY A 203 16.28 -22.61 -6.42
CA GLY A 203 16.56 -21.66 -5.34
C GLY A 203 15.70 -21.86 -4.11
N ILE A 204 14.85 -20.87 -3.83
CA ILE A 204 13.92 -20.91 -2.69
C ILE A 204 12.92 -22.07 -2.86
N LYS A 205 12.80 -22.91 -1.82
CA LYS A 205 12.03 -24.16 -1.89
C LYS A 205 10.54 -23.99 -1.58
N ILE A 206 10.22 -23.06 -0.68
CA ILE A 206 8.85 -22.84 -0.23
C ILE A 206 8.42 -21.41 -0.51
N GLY A 207 7.20 -21.25 -1.02
CA GLY A 207 6.62 -19.93 -1.21
C GLY A 207 5.17 -19.84 -0.76
N HIS A 208 4.67 -18.61 -0.75
CA HIS A 208 3.27 -18.35 -0.39
C HIS A 208 2.60 -17.69 -1.59
N TYR A 209 1.28 -17.82 -1.67
CA TYR A 209 0.53 -17.29 -2.80
C TYR A 209 -0.16 -15.96 -2.50
N ASN A 210 -0.13 -15.07 -3.48
CA ASN A 210 -0.95 -13.86 -3.47
C ASN A 210 -2.24 -14.22 -4.18
N ILE A 211 -3.37 -14.07 -3.49
CA ILE A 211 -4.66 -14.37 -4.11
C ILE A 211 -5.23 -13.18 -4.88
N ARG A 212 -4.57 -12.02 -4.80
CA ARG A 212 -4.93 -10.85 -5.60
C ARG A 212 -3.93 -10.67 -6.74
N THR A 213 -4.28 -9.84 -7.72
CA THR A 213 -3.34 -9.50 -8.79
C THR A 213 -2.29 -8.53 -8.25
N ALA A 214 -1.09 -8.58 -8.80
CA ALA A 214 -0.02 -7.70 -8.34
C ALA A 214 0.04 -6.38 -9.12
N TRP A 215 -0.61 -6.37 -10.28
CA TRP A 215 -0.63 -5.18 -11.14
C TRP A 215 -1.49 -4.05 -10.58
N TRP A 216 -1.15 -2.82 -10.96
CA TRP A 216 -2.03 -1.66 -10.78
C TRP A 216 -3.26 -1.78 -11.66
N ASP A 217 -4.27 -2.53 -11.24
CA ASP A 217 -5.40 -2.77 -12.15
C ASP A 217 -6.75 -2.42 -11.57
N GLY A 218 -6.77 -1.66 -10.47
CA GLY A 218 -8.01 -1.19 -9.84
C GLY A 218 -8.92 -2.28 -9.33
N SER A 219 -8.35 -3.42 -8.97
CA SER A 219 -9.14 -4.58 -8.54
C SER A 219 -9.97 -4.32 -7.27
N ALA A 220 -9.62 -3.30 -6.50
CA ALA A 220 -10.40 -2.89 -5.34
C ALA A 220 -11.81 -2.45 -5.75
N VAL A 221 -11.93 -2.05 -7.02
CA VAL A 221 -13.19 -1.60 -7.58
C VAL A 221 -13.72 -2.62 -8.62
N TYR A 222 -12.84 -3.32 -9.31
CA TYR A 222 -13.27 -4.24 -10.38
C TYR A 222 -13.44 -5.71 -9.96
N GLY A 223 -12.86 -6.07 -8.82
CA GLY A 223 -13.07 -7.41 -8.31
C GLY A 223 -11.89 -8.34 -8.49
N ASN A 224 -11.93 -9.45 -7.75
N ASN A 224 -11.92 -9.47 -7.78
N ASN A 224 -11.92 -9.44 -7.74
CA ASN A 224 -10.89 -10.47 -7.76
CA ASN A 224 -10.88 -10.49 -7.84
CA ASN A 224 -10.81 -10.38 -7.65
C ASN A 224 -11.50 -11.87 -7.81
C ASN A 224 -10.50 -10.94 -9.25
C ASN A 224 -11.07 -11.67 -8.43
N ASN A 225 -12.43 -12.06 -8.74
N ASN A 225 -11.31 -11.84 -9.82
CA ASN A 225 -13.15 -13.33 -8.85
CA ASN A 225 -11.08 -12.38 -11.16
C ASN A 225 -14.24 -13.28 -9.92
C ASN A 225 -12.31 -12.15 -12.02
N GLU A 226 -14.46 -14.40 -10.59
N GLU A 226 -12.47 -13.00 -13.05
CA GLU A 226 -15.58 -14.50 -11.53
CA GLU A 226 -13.64 -12.91 -13.92
C GLU A 226 -16.87 -14.91 -10.81
C GLU A 226 -14.92 -13.14 -13.12
N GLU A 227 -17.58 -13.91 -10.32
N GLU A 227 -14.97 -14.28 -12.45
CA GLU A 227 -18.86 -14.10 -9.65
CA GLU A 227 -16.12 -14.64 -11.63
C GLU A 227 -19.34 -12.77 -9.09
C GLU A 227 -16.61 -13.45 -10.80
N ARG A 228 -18.39 -11.92 -8.68
N ARG A 228 -15.77 -12.99 -9.88
CA ARG A 228 -18.71 -10.55 -8.33
CA ARG A 228 -16.14 -11.92 -8.96
C ARG A 228 -18.18 -9.62 -9.41
C ARG A 228 -16.43 -10.61 -9.69
N ALA A 229 -16.97 -9.88 -9.90
N ALA A 229 -15.99 -10.51 -10.94
CA ALA A 229 -16.43 -9.13 -11.03
CA ALA A 229 -16.04 -9.24 -11.68
C ALA A 229 -17.54 -8.87 -12.05
C ALA A 229 -17.34 -8.99 -12.44
N GLU A 230 -18.29 -9.93 -12.36
CA GLU A 230 -19.53 -9.83 -13.15
C GLU A 230 -20.63 -9.04 -12.44
N LYS A 231 -20.97 -9.44 -11.21
CA LYS A 231 -22.08 -8.85 -10.44
C LYS A 231 -21.86 -7.38 -10.04
N LEU A 232 -20.71 -6.83 -10.39
CA LEU A 232 -20.40 -5.43 -10.12
C LEU A 232 -20.81 -4.54 -11.27
N ARG A 233 -20.96 -5.15 -12.44
CA ARG A 233 -21.25 -4.43 -13.67
C ARG A 233 -22.74 -4.29 -13.96
N THR A 234 -23.12 -3.15 -14.52
CA THR A 234 -24.49 -2.93 -15.00
C THR A 234 -24.67 -3.59 -16.37
N TYR A 235 -23.55 -3.85 -17.04
CA TYR A 235 -23.52 -4.33 -18.43
C TYR A 235 -24.17 -3.38 -19.44
N VAL A 236 -24.29 -2.12 -19.06
CA VAL A 236 -24.69 -1.07 -19.99
C VAL A 236 -23.66 0.07 -19.94
N ASP A 237 -23.18 0.48 -21.12
CA ASP A 237 -22.25 1.60 -21.26
C ASP A 237 -20.93 1.42 -20.49
N GLY A 238 -20.61 0.16 -20.16
CA GLY A 238 -19.36 -0.19 -19.46
C GLY A 238 -19.38 0.05 -17.96
N LYS A 239 -20.54 0.41 -17.42
CA LYS A 239 -20.62 0.97 -16.06
C LYS A 239 -20.64 -0.06 -14.92
N LEU A 240 -20.38 0.44 -13.73
CA LEU A 240 -20.42 -0.34 -12.49
C LEU A 240 -21.60 0.10 -11.61
N VAL A 241 -22.06 -0.82 -10.79
CA VAL A 241 -23.20 -0.61 -9.90
CA VAL A 241 -23.21 -0.59 -9.91
C VAL A 241 -22.85 0.28 -8.70
N ILE A 242 -23.74 1.24 -8.39
CA ILE A 242 -23.59 2.14 -7.25
C ILE A 242 -24.96 2.54 -6.71
N GLY A 243 -25.05 2.76 -5.39
CA GLY A 243 -26.30 3.22 -4.77
C GLY A 243 -26.66 4.66 -5.06
N ASP A 244 -27.93 5.00 -4.83
CA ASP A 244 -28.47 6.32 -5.13
C ASP A 244 -27.96 7.40 -4.17
N ASP A 245 -27.45 6.97 -3.01
CA ASP A 245 -26.81 7.89 -2.08
C ASP A 245 -25.31 8.11 -2.40
N GLY A 246 -24.82 7.50 -3.48
CA GLY A 246 -23.40 7.57 -3.84
C GLY A 246 -22.54 6.62 -3.02
N LEU A 247 -23.19 5.72 -2.27
CA LEU A 247 -22.46 4.70 -1.52
C LEU A 247 -22.59 3.36 -2.23
N LEU A 248 -21.68 2.44 -1.93
CA LEU A 248 -21.76 1.08 -2.43
C LEU A 248 -23.13 0.46 -2.11
N LEU A 249 -23.59 -0.40 -3.00
CA LEU A 249 -24.71 -1.27 -2.69
C LEU A 249 -24.21 -2.42 -1.83
N HIS A 250 -25.13 -3.16 -1.23
CA HIS A 250 -24.76 -4.26 -0.36
C HIS A 250 -25.58 -5.51 -0.63
N LYS A 251 -24.95 -6.66 -0.46
CA LYS A 251 -25.64 -7.94 -0.55
C LYS A 251 -26.52 -8.14 0.69
N GLU A 252 -27.39 -9.15 0.65
CA GLU A 252 -28.29 -9.43 1.76
C GLU A 252 -27.52 -9.81 3.02
N ASN A 253 -26.37 -10.42 2.85
CA ASN A 253 -25.51 -10.77 3.98
C ASN A 253 -24.74 -9.57 4.54
N GLY A 254 -24.92 -8.40 3.92
CA GLY A 254 -24.31 -7.16 4.40
C GLY A 254 -22.98 -6.78 3.77
N VAL A 255 -22.41 -7.69 2.99
CA VAL A 255 -21.11 -7.47 2.34
C VAL A 255 -21.25 -6.47 1.19
N ALA A 256 -20.30 -5.54 1.09
CA ALA A 256 -20.34 -4.51 0.06
C ALA A 256 -20.19 -5.08 -1.35
N LEU A 257 -20.94 -4.52 -2.28
CA LEU A 257 -20.81 -4.86 -3.69
C LEU A 257 -19.71 -4.03 -4.33
N SER A 258 -18.47 -4.46 -4.11
CA SER A 258 -17.30 -3.86 -4.73
C SER A 258 -16.22 -4.94 -4.92
N GLY A 259 -14.97 -4.52 -5.13
CA GLY A 259 -13.90 -5.45 -5.50
C GLY A 259 -13.38 -6.40 -4.44
N ASP A 260 -14.28 -6.97 -3.64
CA ASP A 260 -13.95 -8.06 -2.71
C ASP A 260 -12.82 -7.72 -1.72
N ILE A 261 -12.80 -6.49 -1.23
CA ILE A 261 -11.85 -6.12 -0.18
C ILE A 261 -12.38 -6.67 1.15
N ARG A 262 -11.68 -7.67 1.68
CA ARG A 262 -12.02 -8.19 2.99
C ARG A 262 -11.32 -7.35 4.06
N ASN A 263 -11.81 -7.44 5.29
CA ASN A 263 -11.24 -6.77 6.46
C ASN A 263 -11.20 -5.25 6.32
N SER A 264 -12.30 -4.71 5.82
CA SER A 264 -12.38 -3.31 5.46
C SER A 264 -13.07 -2.48 6.54
N TRP A 265 -13.20 -1.19 6.26
CA TRP A 265 -13.96 -0.27 7.08
C TRP A 265 -14.57 0.82 6.22
N ALA A 266 -15.46 1.61 6.82
CA ALA A 266 -16.21 2.66 6.13
C ALA A 266 -15.35 3.59 5.27
N GLY A 267 -14.16 3.93 5.77
CA GLY A 267 -13.24 4.82 5.05
C GLY A 267 -12.79 4.28 3.70
N VAL A 268 -12.50 2.99 3.65
CA VAL A 268 -12.20 2.32 2.39
C VAL A 268 -13.44 2.29 1.46
N SER A 269 -14.61 2.04 2.06
CA SER A 269 -15.85 1.94 1.30
C SER A 269 -16.19 3.21 0.55
N ILE A 270 -15.97 4.37 1.17
CA ILE A 270 -16.26 5.63 0.47
C ILE A 270 -15.29 5.86 -0.70
N LEU A 271 -14.05 5.37 -0.58
CA LEU A 271 -13.10 5.48 -1.68
C LEU A 271 -13.45 4.56 -2.84
N GLN A 272 -13.86 3.33 -2.52
CA GLN A 272 -14.42 2.43 -3.54
C GLN A 272 -15.59 3.09 -4.27
N ALA A 273 -16.51 3.68 -3.48
CA ALA A 273 -17.68 4.37 -4.04
C ALA A 273 -17.28 5.54 -4.94
N LEU A 274 -16.33 6.36 -4.47
CA LEU A 274 -15.81 7.48 -5.27
C LEU A 274 -15.22 7.03 -6.59
N PHE A 275 -14.48 5.93 -6.57
CA PHE A 275 -13.84 5.44 -7.80
C PHE A 275 -14.76 4.65 -8.72
N VAL A 276 -15.85 4.15 -8.16
CA VAL A 276 -16.93 3.63 -8.99
C VAL A 276 -17.52 4.78 -9.80
N LYS A 277 -17.77 5.93 -9.17
CA LYS A 277 -18.27 7.11 -9.89
C LYS A 277 -17.27 7.65 -10.89
N GLU A 278 -15.98 7.62 -10.52
CA GLU A 278 -14.93 7.97 -11.44
C GLU A 278 -14.97 7.09 -12.69
N HIS A 279 -14.95 5.77 -12.51
CA HIS A 279 -15.05 4.83 -13.63
C HIS A 279 -16.27 5.13 -14.52
N ASN A 280 -17.43 5.34 -13.88
CA ASN A 280 -18.66 5.61 -14.62
C ASN A 280 -18.61 6.92 -15.40
N ALA A 281 -17.98 7.94 -14.81
CA ALA A 281 -17.80 9.21 -15.51
C ALA A 281 -16.83 9.09 -16.68
N VAL A 282 -15.81 8.25 -16.53
CA VAL A 282 -14.90 7.95 -17.63
C VAL A 282 -15.68 7.27 -18.76
N CYS A 283 -16.55 6.34 -18.41
CA CYS A 283 -17.43 5.69 -19.41
C CYS A 283 -18.23 6.73 -20.21
N ASP A 284 -18.83 7.69 -19.52
CA ASP A 284 -19.60 8.76 -20.17
C ASP A 284 -18.76 9.57 -21.16
N ALA A 285 -17.53 9.90 -20.76
CA ALA A 285 -16.64 10.73 -21.57
C ALA A 285 -16.14 10.00 -22.81
N ILE A 286 -15.79 8.73 -22.64
CA ILE A 286 -15.33 7.92 -23.79
C ILE A 286 -16.48 7.63 -24.79
N LYS A 287 -17.65 7.31 -24.27
CA LYS A 287 -18.84 7.06 -25.11
C LYS A 287 -19.20 8.29 -25.96
N GLU A 288 -19.04 9.48 -25.38
CA GLU A 288 -19.28 10.71 -26.09
C GLU A 288 -18.32 10.88 -27.29
N GLU A 289 -17.05 10.52 -27.10
CA GLU A 289 -16.06 10.54 -28.19
C GLU A 289 -16.30 9.41 -29.20
N HIS A 290 -16.64 8.22 -28.70
CA HIS A 290 -16.84 7.04 -29.52
C HIS A 290 -18.22 6.43 -29.28
N PRO A 291 -19.26 6.99 -29.92
CA PRO A 291 -20.66 6.62 -29.63
C PRO A 291 -21.01 5.15 -29.89
N ASN A 292 -20.20 4.46 -30.69
CA ASN A 292 -20.55 3.13 -31.17
C ASN A 292 -19.91 1.95 -30.43
N LEU A 293 -19.14 2.26 -29.38
CA LEU A 293 -18.48 1.23 -28.56
C LEU A 293 -19.49 0.37 -27.79
N SER A 294 -19.18 -0.91 -27.63
CA SER A 294 -20.00 -1.81 -26.82
C SER A 294 -19.76 -1.60 -25.33
N ASP A 295 -20.60 -2.22 -24.51
CA ASP A 295 -20.42 -2.24 -23.06
C ASP A 295 -19.04 -2.75 -22.67
N GLU A 296 -18.62 -3.84 -23.30
CA GLU A 296 -17.34 -4.47 -23.01
C GLU A 296 -16.16 -3.57 -23.37
N GLU A 297 -16.24 -2.92 -24.54
CA GLU A 297 -15.19 -2.00 -24.99
C GLU A 297 -15.05 -0.79 -24.05
N LEU A 298 -16.18 -0.19 -23.69
CA LEU A 298 -16.19 0.93 -22.75
C LEU A 298 -15.64 0.54 -21.38
N TYR A 299 -16.05 -0.63 -20.90
CA TYR A 299 -15.53 -1.17 -19.64
C TYR A 299 -14.01 -1.29 -19.67
N ARG A 300 -13.50 -1.87 -20.74
CA ARG A 300 -12.05 -2.07 -20.89
C ARG A 300 -11.25 -0.78 -20.89
N TYR A 301 -11.70 0.20 -21.67
CA TYR A 301 -11.03 1.49 -21.76
C TYR A 301 -11.10 2.21 -20.41
N ALA A 302 -12.28 2.20 -19.80
CA ALA A 302 -12.49 2.90 -18.53
C ALA A 302 -11.70 2.27 -17.39
N LYS A 303 -11.51 0.95 -17.44
CA LYS A 303 -10.68 0.24 -16.46
C LYS A 303 -9.21 0.66 -16.62
N LEU A 304 -8.74 0.74 -17.86
CA LEU A 304 -7.40 1.23 -18.13
C LEU A 304 -7.21 2.65 -17.58
N VAL A 305 -8.15 3.54 -17.86
CA VAL A 305 -8.08 4.93 -17.41
C VAL A 305 -8.09 5.04 -15.88
N THR A 306 -9.06 4.39 -15.24
CA THR A 306 -9.25 4.47 -13.80
C THR A 306 -8.07 3.89 -13.03
N SER A 307 -7.56 2.74 -13.47
CA SER A 307 -6.39 2.10 -12.86
CA SER A 307 -6.40 2.11 -12.84
C SER A 307 -5.17 3.01 -12.91
N ALA A 308 -5.04 3.76 -13.99
CA ALA A 308 -3.90 4.68 -14.17
C ALA A 308 -4.08 5.93 -13.32
N VAL A 309 -5.32 6.41 -13.22
CA VAL A 309 -5.64 7.51 -12.32
C VAL A 309 -5.26 7.15 -10.88
N ILE A 310 -5.63 5.94 -10.46
CA ILE A 310 -5.31 5.46 -9.11
C ILE A 310 -3.80 5.41 -8.89
N ALA A 311 -3.06 4.82 -9.82
CA ALA A 311 -1.58 4.75 -9.72
C ALA A 311 -0.96 6.14 -9.69
N LYS A 312 -1.49 7.03 -10.51
CA LYS A 312 -0.99 8.40 -10.58
C LYS A 312 -1.25 9.15 -9.27
N VAL A 313 -2.49 9.11 -8.77
CA VAL A 313 -2.83 9.71 -7.48
C VAL A 313 -1.92 9.17 -6.37
N HIS A 314 -1.71 7.86 -6.34
CA HIS A 314 -0.82 7.26 -5.34
C HIS A 314 0.61 7.79 -5.45
N THR A 315 1.10 7.86 -6.69
CA THR A 315 2.50 8.19 -6.97
C THR A 315 2.83 9.66 -6.69
N ILE A 316 2.07 10.59 -7.27
CA ILE A 316 2.46 12.01 -7.21
C ILE A 316 1.63 12.85 -6.22
N ASP A 317 0.74 12.19 -5.48
CA ASP A 317 -0.05 12.88 -4.46
C ASP A 317 0.10 12.18 -3.12
N TRP A 318 -0.43 10.96 -2.99
CA TRP A 318 -0.36 10.24 -1.70
C TRP A 318 1.08 10.11 -1.17
N THR A 319 1.96 9.56 -1.99
CA THR A 319 3.35 9.31 -1.59
C THR A 319 4.11 10.61 -1.27
N VAL A 320 3.79 11.66 -2.02
CA VAL A 320 4.38 12.99 -1.85
C VAL A 320 4.03 13.59 -0.48
N GLU A 321 2.81 13.34 0.01
CA GLU A 321 2.42 13.86 1.33
C GLU A 321 2.93 12.95 2.45
N LEU A 322 3.07 11.65 2.15
CA LEU A 322 3.64 10.67 3.09
C LEU A 322 5.10 11.02 3.38
N LEU A 323 5.83 11.38 2.33
CA LEU A 323 7.26 11.68 2.41
C LEU A 323 7.43 13.14 2.09
N LYS A 324 7.14 13.97 3.08
CA LYS A 324 6.93 15.40 2.86
C LYS A 324 8.26 16.16 2.87
N THR A 325 9.08 15.88 1.87
CA THR A 325 10.36 16.55 1.68
C THR A 325 10.43 17.03 0.24
N LYS A 326 11.30 18.02 -0.02
CA LYS A 326 11.50 18.50 -1.39
C LYS A 326 12.08 17.41 -2.28
N THR A 327 13.02 16.63 -1.73
CA THR A 327 13.67 15.59 -2.51
C THR A 327 12.66 14.54 -2.96
N MET A 328 11.75 14.18 -2.06
CA MET A 328 10.78 13.16 -2.40
C MET A 328 9.68 13.63 -3.35
N ARG A 329 9.29 14.90 -3.28
CA ARG A 329 8.35 15.44 -4.28
C ARG A 329 8.98 15.31 -5.67
N ALA A 330 10.23 15.72 -5.80
CA ALA A 330 10.96 15.62 -7.06
C ALA A 330 11.15 14.17 -7.51
N ALA A 331 11.44 13.27 -6.58
CA ALA A 331 11.66 11.86 -6.94
C ALA A 331 10.40 11.20 -7.48
N MET A 332 9.28 11.41 -6.80
CA MET A 332 8.03 10.76 -7.20
C MET A 332 7.53 11.33 -8.53
N ARG A 333 7.65 12.64 -8.69
CA ARG A 333 7.23 13.27 -9.94
C ARG A 333 8.12 12.81 -11.09
N ALA A 334 9.41 12.61 -10.80
CA ALA A 334 10.36 12.10 -11.81
C ALA A 334 10.01 10.70 -12.26
N ASN A 335 9.57 9.84 -11.34
CA ASN A 335 9.11 8.49 -11.70
C ASN A 335 7.94 8.51 -12.67
N TRP A 336 7.02 9.45 -12.45
CA TRP A 336 5.81 9.54 -13.27
C TRP A 336 6.06 10.36 -14.55
N TYR A 337 6.48 11.61 -14.40
CA TYR A 337 6.62 12.54 -15.53
C TYR A 337 8.00 12.53 -16.17
N GLY A 338 9.01 12.11 -15.40
CA GLY A 338 10.39 12.23 -15.84
C GLY A 338 11.01 13.48 -15.27
N LEU A 339 12.34 13.47 -15.19
CA LEU A 339 13.08 14.63 -14.74
C LEU A 339 12.96 15.83 -15.67
N LEU A 340 12.58 15.60 -16.93
CA LEU A 340 12.31 16.73 -17.83
C LEU A 340 11.00 17.46 -17.50
N GLY A 341 10.13 16.82 -16.72
CA GLY A 341 8.93 17.47 -16.17
C GLY A 341 7.65 17.25 -16.95
N LYS A 342 6.53 17.64 -16.32
CA LYS A 342 5.18 17.44 -16.85
C LYS A 342 4.94 18.19 -18.16
N LYS A 343 5.34 19.46 -18.21
CA LYS A 343 5.16 20.31 -19.40
C LYS A 343 5.71 19.61 -20.65
N ILE A 344 6.97 19.17 -20.57
CA ILE A 344 7.62 18.47 -21.68
C ILE A 344 6.98 17.11 -21.95
N LYS A 345 6.73 16.34 -20.90
CA LYS A 345 6.12 15.02 -21.01
C LYS A 345 4.75 15.09 -21.70
N ASP A 346 3.93 16.04 -21.29
CA ASP A 346 2.57 16.17 -21.82
C ASP A 346 2.55 16.68 -23.26
N THR A 347 3.51 17.55 -23.58
CA THR A 347 3.56 18.16 -24.91
C THR A 347 4.27 17.30 -25.94
N PHE A 348 5.39 16.69 -25.54
CA PHE A 348 6.25 15.98 -26.47
C PHE A 348 6.33 14.46 -26.24
N GLY A 349 5.71 13.97 -25.17
CA GLY A 349 5.81 12.56 -24.83
C GLY A 349 7.09 12.21 -24.09
N HIS A 350 7.33 10.91 -23.97
CA HIS A 350 8.48 10.38 -23.25
C HIS A 350 9.77 10.66 -24.02
N ILE A 351 10.70 11.39 -23.40
CA ILE A 351 12.00 11.69 -23.99
C ILE A 351 13.12 11.06 -23.17
N GLY A 352 14.09 10.46 -23.87
CA GLY A 352 15.22 9.81 -23.21
C GLY A 352 14.84 8.50 -22.55
N GLY A 353 15.53 8.16 -21.47
CA GLY A 353 15.27 6.92 -20.78
C GLY A 353 14.40 7.08 -19.55
N PRO A 354 14.51 6.14 -18.59
CA PRO A 354 13.69 6.14 -17.39
C PRO A 354 13.88 7.37 -16.50
N ILE A 355 15.05 7.99 -16.53
CA ILE A 355 15.28 9.18 -15.68
C ILE A 355 14.67 10.44 -16.30
N LEU A 356 15.03 10.74 -17.54
CA LEU A 356 14.58 11.98 -18.19
C LEU A 356 13.09 11.96 -18.54
N GLY A 357 12.61 10.82 -19.01
CA GLY A 357 11.23 10.71 -19.48
C GLY A 357 10.31 10.07 -18.48
N GLY A 358 10.88 9.38 -17.49
CA GLY A 358 10.11 8.71 -16.47
C GLY A 358 9.90 7.24 -16.75
N LEU A 359 9.34 6.54 -15.77
CA LEU A 359 9.02 5.13 -15.89
C LEU A 359 7.76 4.99 -16.73
N VAL A 360 6.84 5.93 -16.56
CA VAL A 360 5.59 5.93 -17.29
C VAL A 360 5.83 6.42 -18.71
N GLY A 361 5.48 5.59 -19.69
CA GLY A 361 5.70 5.94 -21.09
C GLY A 361 6.99 5.39 -21.68
N LEU A 362 7.73 4.60 -20.92
CA LEU A 362 8.88 3.87 -21.48
C LEU A 362 8.44 3.05 -22.69
N LYS A 363 9.35 2.87 -23.64
CA LYS A 363 9.04 2.12 -24.87
C LYS A 363 8.67 0.66 -24.59
N LYS A 364 9.27 0.07 -23.57
CA LYS A 364 9.07 -1.33 -23.24
C LYS A 364 9.03 -1.49 -21.72
N PRO A 365 8.25 -2.47 -21.22
CA PRO A 365 8.34 -2.75 -19.80
C PRO A 365 9.70 -3.36 -19.47
N ASN A 366 10.15 -3.16 -18.23
CA ASN A 366 11.43 -3.69 -17.77
C ASN A 366 11.24 -4.33 -16.40
N ASN A 367 11.51 -5.63 -16.32
CA ASN A 367 11.39 -6.33 -15.04
C ASN A 367 12.75 -6.64 -14.40
N HIS A 368 13.81 -6.09 -15.00
CA HIS A 368 15.20 -6.27 -14.54
C HIS A 368 15.64 -7.72 -14.35
N GLY A 369 15.16 -8.60 -15.25
CA GLY A 369 15.58 -10.01 -15.26
C GLY A 369 14.79 -10.94 -14.34
N VAL A 370 13.82 -10.40 -13.62
CA VAL A 370 13.07 -11.19 -12.63
C VAL A 370 11.57 -10.99 -12.85
N PRO A 371 10.81 -12.09 -13.07
CA PRO A 371 9.36 -12.00 -13.29
C PRO A 371 8.65 -11.12 -12.26
N TYR A 372 7.79 -10.22 -12.73
CA TYR A 372 7.08 -9.33 -11.81
C TYR A 372 6.19 -10.05 -10.81
N SER A 373 6.30 -9.65 -9.55
CA SER A 373 5.39 -10.07 -8.49
C SER A 373 5.51 -9.04 -7.37
N LEU A 374 4.55 -9.06 -6.45
CA LEU A 374 4.74 -8.37 -5.20
C LEU A 374 5.50 -9.31 -4.28
N THR A 375 6.14 -8.77 -3.26
CA THR A 375 7.05 -9.57 -2.45
C THR A 375 6.61 -9.67 -0.98
N GLU A 376 7.15 -10.67 -0.29
CA GLU A 376 6.90 -10.87 1.13
C GLU A 376 7.23 -9.63 1.96
N GLU A 377 8.34 -8.98 1.60
CA GLU A 377 8.86 -7.80 2.31
C GLU A 377 8.03 -6.55 2.05
N PHE A 378 7.45 -6.45 0.85
CA PHE A 378 6.53 -5.37 0.50
C PHE A 378 5.30 -5.44 1.40
N THR A 379 4.84 -6.66 1.70
CA THR A 379 3.76 -6.84 2.68
C THR A 379 4.19 -6.31 4.05
N SER A 380 5.39 -6.71 4.49
CA SER A 380 5.83 -6.40 5.86
C SER A 380 5.99 -4.90 6.14
N VAL A 381 6.50 -4.17 5.14
CA VAL A 381 6.74 -2.73 5.30
C VAL A 381 5.47 -1.90 5.11
N TYR A 382 4.42 -2.54 4.59
CA TYR A 382 3.12 -1.88 4.46
C TYR A 382 2.15 -2.18 5.62
N ARG A 383 2.65 -2.85 6.66
CA ARG A 383 1.86 -3.11 7.87
C ARG A 383 1.75 -1.83 8.70
N MET A 384 0.71 -1.05 8.42
CA MET A 384 0.59 0.28 8.97
C MET A 384 -0.76 0.48 9.69
N HIS A 385 -1.11 -0.47 10.54
CA HIS A 385 -2.41 -0.42 11.23
C HIS A 385 -2.55 0.71 12.25
N SER A 386 -1.42 1.21 12.74
CA SER A 386 -1.40 2.31 13.70
C SER A 386 -1.85 3.65 13.12
N LEU A 387 -2.04 3.71 11.80
CA LEU A 387 -2.56 4.92 11.16
C LEU A 387 -4.02 5.20 11.53
N ILE A 388 -4.75 4.19 11.98
CA ILE A 388 -6.18 4.36 12.29
C ILE A 388 -6.38 5.06 13.64
N PRO A 389 -7.04 6.23 13.67
CA PRO A 389 -7.31 6.90 14.95
C PRO A 389 -8.34 6.13 15.78
N SER A 390 -8.44 6.44 17.07
CA SER A 390 -9.37 5.72 17.95
C SER A 390 -10.80 6.20 17.78
N THR A 391 -10.93 7.49 17.46
CA THR A 391 -12.26 8.09 17.32
C THR A 391 -12.31 9.03 16.12
N LEU A 392 -13.47 9.11 15.48
CA LEU A 392 -13.68 10.04 14.37
C LEU A 392 -14.56 11.21 14.80
N LYS A 393 -14.08 12.44 14.58
CA LYS A 393 -14.88 13.64 14.79
C LYS A 393 -15.76 13.90 13.56
N LEU A 394 -17.05 13.60 13.68
CA LEU A 394 -17.99 13.83 12.57
C LEU A 394 -18.34 15.29 12.47
N ARG A 395 -18.25 15.86 11.27
CA ARG A 395 -18.45 17.30 11.08
C ARG A 395 -19.59 17.59 10.10
N ASP A 396 -20.18 18.77 10.23
CA ASP A 396 -21.35 19.16 9.46
C ASP A 396 -20.97 19.86 8.13
N PRO A 397 -21.21 19.20 6.98
CA PRO A 397 -20.87 19.77 5.68
C PRO A 397 -21.51 21.11 5.36
N THR A 398 -22.61 21.46 6.03
CA THR A 398 -23.22 22.78 5.85
C THR A 398 -23.35 23.57 7.15
N GLY A 399 -22.53 23.22 8.13
CA GLY A 399 -22.51 23.96 9.39
C GLY A 399 -21.82 25.30 9.26
N GLN A 400 -22.07 26.19 10.23
CA GLN A 400 -21.33 27.44 10.33
C GLN A 400 -19.88 27.16 10.70
N PRO A 401 -18.92 27.77 10.00
CA PRO A 401 -17.51 27.61 10.40
C PRO A 401 -17.32 27.84 11.90
N ASP A 402 -16.61 26.93 12.57
CA ASP A 402 -16.37 27.05 14.01
C ASP A 402 -15.26 28.07 14.32
N ALA A 403 -14.79 28.08 15.57
CA ALA A 403 -13.74 29.01 16.03
C ALA A 403 -12.41 28.81 15.30
N ASN A 404 -12.16 27.58 14.86
CA ASN A 404 -10.99 27.28 14.02
C ASN A 404 -11.28 27.36 12.51
N ASN A 405 -12.46 27.88 12.16
CA ASN A 405 -12.93 27.99 10.77
C ASN A 405 -13.18 26.63 10.09
N SER A 406 -13.24 25.59 10.89
CA SER A 406 -13.55 24.25 10.44
C SER A 406 -15.06 24.05 10.34
N PRO A 407 -15.52 23.02 9.58
CA PRO A 407 -16.92 22.64 9.72
C PRO A 407 -17.14 22.13 11.15
N PRO A 408 -18.26 22.53 11.79
CA PRO A 408 -18.36 22.28 13.22
C PRO A 408 -18.55 20.81 13.54
N CYS A 409 -18.04 20.38 14.69
CA CYS A 409 -18.16 18.99 15.13
C CYS A 409 -19.59 18.68 15.56
N LEU A 410 -20.08 17.49 15.22
CA LEU A 410 -21.44 17.07 15.55
C LEU A 410 -21.44 16.00 16.65
N GLU A 411 -20.47 15.10 16.59
CA GLU A 411 -20.32 14.01 17.55
C GLU A 411 -19.00 13.29 17.33
N ASP A 412 -18.47 12.68 18.37
CA ASP A 412 -17.34 11.76 18.26
C ASP A 412 -17.90 10.36 18.08
N ILE A 413 -17.32 9.60 17.16
CA ILE A 413 -17.70 8.20 17.03
C ILE A 413 -16.47 7.33 17.20
N ASP A 414 -16.61 6.27 18.00
CA ASP A 414 -15.61 5.23 18.14
C ASP A 414 -15.39 4.58 16.77
N ILE A 415 -14.15 4.59 16.27
CA ILE A 415 -13.88 4.05 14.93
C ILE A 415 -14.14 2.53 14.85
N GLY A 416 -14.05 1.85 15.99
CA GLY A 416 -14.46 0.44 16.07
C GLY A 416 -15.87 0.19 15.57
N GLU A 417 -16.75 1.18 15.74
CA GLU A 417 -18.13 1.09 15.27
CA GLU A 417 -18.14 1.11 15.27
C GLU A 417 -18.24 1.27 13.75
N MET A 418 -17.14 1.70 13.12
CA MET A 418 -17.13 1.98 11.68
CA MET A 418 -17.11 1.99 11.68
C MET A 418 -16.39 0.91 10.88
N ILE A 419 -16.03 -0.19 11.54
CA ILE A 419 -15.28 -1.27 10.93
C ILE A 419 -16.16 -2.43 10.49
N GLY A 420 -15.79 -3.06 9.38
CA GLY A 420 -16.41 -4.30 8.94
C GLY A 420 -17.87 -4.16 8.57
N LEU A 421 -18.61 -5.27 8.67
CA LEU A 421 -20.03 -5.28 8.29
C LEU A 421 -20.88 -4.28 9.07
N LYS A 422 -20.69 -4.21 10.38
CA LYS A 422 -21.40 -3.22 11.20
C LYS A 422 -21.03 -1.79 10.77
N GLY A 423 -19.80 -1.62 10.31
CA GLY A 423 -19.33 -0.33 9.79
C GLY A 423 -20.05 0.11 8.54
N GLU A 424 -20.33 -0.83 7.64
CA GLU A 424 -21.13 -0.55 6.45
C GLU A 424 -22.52 -0.01 6.83
N GLU A 425 -23.10 -0.60 7.88
CA GLU A 425 -24.39 -0.14 8.43
C GLU A 425 -24.34 1.29 8.95
N GLN A 426 -23.31 1.62 9.75
CA GLN A 426 -23.16 2.96 10.30
CA GLN A 426 -23.16 2.96 10.30
C GLN A 426 -22.94 3.98 9.19
N LEU A 427 -22.16 3.60 8.18
CA LEU A 427 -21.87 4.48 7.05
C LEU A 427 -23.14 4.84 6.28
N SER A 428 -24.02 3.86 6.12
CA SER A 428 -25.31 4.09 5.43
CA SER A 428 -25.30 4.10 5.42
C SER A 428 -26.19 5.11 6.15
N LYS A 429 -25.85 5.42 7.40
CA LYS A 429 -26.57 6.43 8.18
C LYS A 429 -25.85 7.77 8.22
N ILE A 430 -24.60 7.77 7.78
CA ILE A 430 -23.76 8.96 7.84
C ILE A 430 -23.72 9.68 6.49
N GLY A 431 -23.53 8.91 5.41
CA GLY A 431 -23.49 9.45 4.05
C GLY A 431 -22.07 9.81 3.62
N PHE A 432 -21.88 9.95 2.30
CA PHE A 432 -20.55 10.22 1.74
C PHE A 432 -19.94 11.54 2.19
N GLU A 433 -20.65 12.65 1.96
CA GLU A 433 -20.12 13.98 2.27
C GLU A 433 -19.67 14.13 3.71
N LYS A 434 -20.52 13.74 4.66
CA LYS A 434 -20.15 13.85 6.07
C LYS A 434 -18.94 12.97 6.39
N GLN A 435 -18.94 11.74 5.90
CA GLN A 435 -17.84 10.82 6.17
C GLN A 435 -16.54 11.35 5.58
N ALA A 436 -16.58 11.77 4.31
CA ALA A 436 -15.39 12.25 3.60
C ALA A 436 -14.84 13.53 4.21
N LEU A 437 -15.72 14.50 4.45
CA LEU A 437 -15.33 15.76 5.09
C LEU A 437 -14.71 15.52 6.46
N SER A 438 -15.34 14.66 7.25
CA SER A 438 -14.85 14.38 8.60
C SER A 438 -13.45 13.77 8.58
N MET A 439 -13.22 12.84 7.66
CA MET A 439 -11.92 12.20 7.47
C MET A 439 -10.87 13.19 6.96
N GLY A 440 -11.29 14.09 6.09
CA GLY A 440 -10.42 15.15 5.56
C GLY A 440 -9.93 16.12 6.61
N TYR A 441 -10.77 16.41 7.60
CA TYR A 441 -10.44 17.37 8.67
C TYR A 441 -9.76 16.77 9.91
N GLN A 442 -9.43 15.49 9.87
CA GLN A 442 -8.75 14.87 11.01
C GLN A 442 -7.44 14.17 10.61
N ALA A 443 -6.39 14.41 11.38
CA ALA A 443 -5.09 13.74 11.18
C ALA A 443 -5.25 12.24 11.40
N CYS A 444 -4.47 11.42 10.68
CA CYS A 444 -4.46 9.99 10.97
C CYS A 444 -3.41 9.70 12.06
N GLY A 445 -3.31 8.45 12.50
CA GLY A 445 -2.34 8.09 13.53
C GLY A 445 -0.91 8.07 13.00
N ALA A 446 0.06 8.32 13.88
CA ALA A 446 1.48 8.20 13.54
C ALA A 446 2.00 6.76 13.64
N LEU A 447 2.96 6.43 12.78
CA LEU A 447 3.58 5.11 12.78
C LEU A 447 4.73 5.08 13.78
N GLU A 448 4.36 4.95 15.05
CA GLU A 448 5.29 4.95 16.15
C GLU A 448 4.89 3.81 17.08
N LEU A 449 5.72 3.55 18.07
CA LEU A 449 5.39 2.61 19.15
C LEU A 449 4.20 3.10 19.96
N TRP A 450 3.53 2.17 20.64
CA TRP A 450 2.40 2.48 21.52
C TRP A 450 1.30 3.30 20.83
N ASN A 451 0.93 2.90 19.61
CA ASN A 451 -0.09 3.64 18.86
C ASN A 451 -1.01 2.74 18.05
N TYR A 452 -1.11 1.49 18.48
CA TYR A 452 -1.89 0.48 17.79
C TYR A 452 -3.29 0.43 18.43
N PRO A 453 -4.35 0.70 17.64
CA PRO A 453 -5.71 0.85 18.20
C PRO A 453 -6.23 -0.37 18.95
N SER A 454 -6.89 -0.14 20.08
CA SER A 454 -7.44 -1.23 20.90
C SER A 454 -8.44 -2.10 20.15
N PHE A 455 -9.24 -1.51 19.26
CA PHE A 455 -10.22 -2.32 18.53
C PHE A 455 -9.61 -3.37 17.58
N PHE A 456 -8.32 -3.22 17.24
CA PHE A 456 -7.61 -4.24 16.48
C PHE A 456 -7.22 -5.45 17.33
N ARG A 457 -7.24 -5.29 18.65
CA ARG A 457 -6.79 -6.33 19.56
C ARG A 457 -7.88 -7.33 19.99
N ASN A 458 -9.11 -7.07 19.56
CA ASN A 458 -10.21 -8.07 19.59
C ASN A 458 -11.09 -7.96 18.36
N LEU A 459 -10.45 -8.07 17.20
CA LEU A 459 -11.06 -7.79 15.91
C LEU A 459 -11.71 -9.02 15.31
N ILE A 460 -12.92 -8.85 14.76
CA ILE A 460 -13.53 -9.88 13.94
C ILE A 460 -12.89 -9.85 12.55
N PRO A 461 -12.19 -10.93 12.15
CA PRO A 461 -11.64 -11.00 10.80
C PRO A 461 -12.66 -11.60 9.85
N GLN A 462 -12.43 -11.44 8.55
CA GLN A 462 -13.39 -11.88 7.55
C GLN A 462 -12.86 -13.01 6.69
N ASN A 463 -13.79 -13.82 6.20
CA ASN A 463 -13.52 -14.81 5.16
C ASN A 463 -13.26 -14.12 3.82
N LEU A 464 -12.86 -14.89 2.82
CA LEU A 464 -12.61 -14.37 1.48
C LEU A 464 -13.84 -13.67 0.90
N ASP A 465 -15.01 -14.24 1.14
CA ASP A 465 -16.27 -13.69 0.68
C ASP A 465 -16.76 -12.47 1.49
N GLY A 466 -15.96 -12.01 2.45
CA GLY A 466 -16.31 -10.83 3.23
C GLY A 466 -17.15 -11.05 4.49
N THR A 467 -17.55 -12.29 4.73
CA THR A 467 -18.36 -12.60 5.92
C THR A 467 -17.49 -12.77 7.17
N ASN A 468 -18.12 -12.61 8.34
CA ASN A 468 -17.43 -12.68 9.62
C ASN A 468 -17.01 -14.09 10.00
N ARG A 469 -15.79 -14.21 10.50
CA ARG A 469 -15.32 -15.42 11.16
C ARG A 469 -15.66 -15.33 12.64
N SER A 470 -15.88 -16.48 13.27
CA SER A 470 -16.26 -16.51 14.68
C SER A 470 -15.05 -16.34 15.61
N ASP A 471 -13.85 -16.53 15.10
CA ASP A 471 -12.64 -16.35 15.93
C ASP A 471 -12.05 -14.96 15.80
N ARG A 472 -12.26 -14.13 16.82
CA ARG A 472 -11.61 -12.81 16.87
C ARG A 472 -10.09 -12.99 16.96
N ILE A 473 -9.36 -11.96 16.54
CA ILE A 473 -7.88 -11.99 16.61
C ILE A 473 -7.33 -10.77 17.34
N ASP A 474 -6.11 -10.92 17.87
CA ASP A 474 -5.33 -9.79 18.30
C ASP A 474 -4.40 -9.49 17.13
N LEU A 475 -4.79 -8.50 16.32
CA LEU A 475 -4.10 -8.25 15.04
C LEU A 475 -2.64 -7.91 15.25
N ALA A 476 -2.35 -7.11 16.28
CA ALA A 476 -0.97 -6.73 16.60
C ALA A 476 -0.10 -7.94 16.91
N ALA A 477 -0.65 -8.88 17.69
CA ALA A 477 0.07 -10.13 18.00
C ALA A 477 0.23 -10.96 16.75
N LEU A 478 -0.83 -11.04 15.94
CA LEU A 478 -0.79 -11.82 14.71
C LEU A 478 0.21 -11.29 13.66
N GLU A 479 0.28 -9.97 13.53
CA GLU A 479 1.22 -9.37 12.57
C GLU A 479 2.66 -9.76 12.84
N VAL A 480 3.08 -9.61 14.10
CA VAL A 480 4.40 -10.04 14.56
C VAL A 480 4.62 -11.53 14.24
N TYR A 481 3.61 -12.36 14.49
CA TYR A 481 3.65 -13.79 14.17
C TYR A 481 3.80 -14.07 12.66
N ARG A 482 3.05 -13.33 11.84
CA ARG A 482 3.09 -13.48 10.39
C ARG A 482 4.48 -13.23 9.80
N ASP A 483 5.15 -12.17 10.24
CA ASP A 483 6.49 -11.84 9.69
C ASP A 483 7.47 -12.98 9.95
N ARG A 484 7.42 -13.54 11.17
CA ARG A 484 8.26 -14.69 11.55
C ARG A 484 7.89 -15.97 10.81
N GLU A 485 6.60 -16.28 10.81
CA GLU A 485 6.05 -17.43 10.11
C GLU A 485 6.47 -17.46 8.65
N ARG A 486 6.51 -16.29 8.03
CA ARG A 486 6.80 -16.19 6.59
C ARG A 486 8.29 -16.01 6.29
N SER A 487 9.13 -16.17 7.31
CA SER A 487 10.59 -16.16 7.18
C SER A 487 11.16 -14.83 6.67
N VAL A 488 10.49 -13.73 7.00
CA VAL A 488 11.01 -12.40 6.69
C VAL A 488 12.08 -12.10 7.73
N PRO A 489 13.28 -11.67 7.28
CA PRO A 489 14.33 -11.35 8.24
C PRO A 489 13.84 -10.34 9.27
N ARG A 490 14.34 -10.48 10.50
CA ARG A 490 14.05 -9.52 11.56
C ARG A 490 14.74 -8.18 11.29
N TYR A 491 14.41 -7.17 12.09
CA TYR A 491 14.76 -5.78 11.80
C TYR A 491 16.21 -5.55 11.35
N ASN A 492 17.17 -6.01 12.15
CA ASN A 492 18.58 -5.70 11.89
C ASN A 492 19.13 -6.37 10.64
N GLU A 493 18.79 -7.64 10.46
CA GLU A 493 19.18 -8.37 9.25
C GLU A 493 18.50 -7.79 8.01
N PHE A 494 17.23 -7.42 8.17
CA PHE A 494 16.44 -6.76 7.13
C PHE A 494 17.19 -5.52 6.62
N ARG A 495 17.66 -4.68 7.54
CA ARG A 495 18.48 -3.52 7.18
C ARG A 495 19.75 -3.90 6.39
N ARG A 496 20.52 -4.86 6.92
CA ARG A 496 21.75 -5.33 6.25
C ARG A 496 21.52 -5.73 4.81
N ARG A 497 20.43 -6.46 4.57
CA ARG A 497 20.10 -6.97 3.24
C ARG A 497 19.75 -5.87 2.25
N LEU A 498 19.39 -4.70 2.76
CA LEU A 498 19.10 -3.54 1.92
C LEU A 498 20.28 -2.58 1.84
N PHE A 499 21.46 -3.06 2.25
CA PHE A 499 22.70 -2.26 2.26
C PHE A 499 22.58 -1.04 3.18
N LEU A 500 21.86 -1.22 4.28
CA LEU A 500 21.71 -0.20 5.32
C LEU A 500 22.55 -0.58 6.52
N ILE A 501 23.04 0.42 7.24
CA ILE A 501 23.87 0.18 8.42
C ILE A 501 23.00 -0.35 9.59
N PRO A 502 23.35 -1.53 10.12
CA PRO A 502 22.61 -2.11 11.25
C PRO A 502 22.83 -1.32 12.55
N ILE A 503 21.92 -1.48 13.50
CA ILE A 503 22.08 -0.90 14.82
C ILE A 503 23.07 -1.77 15.64
N LYS A 504 23.82 -1.12 16.53
CA LYS A 504 24.72 -1.83 17.45
C LYS A 504 24.05 -1.96 18.80
N SER A 505 23.23 -0.97 19.13
CA SER A 505 22.48 -0.94 20.37
C SER A 505 21.14 -0.25 20.15
N TRP A 506 20.27 -0.29 21.15
CA TRP A 506 18.94 0.31 21.06
C TRP A 506 19.01 1.83 20.84
N GLU A 507 20.07 2.45 21.34
CA GLU A 507 20.27 3.88 21.21
C GLU A 507 20.43 4.33 19.76
N ASP A 508 20.93 3.43 18.91
CA ASP A 508 21.02 3.67 17.47
C ASP A 508 19.64 3.68 16.80
N LEU A 509 18.67 3.01 17.42
CA LEU A 509 17.34 2.86 16.85
C LEU A 509 16.49 4.10 17.11
N THR A 510 16.55 4.59 18.35
CA THR A 510 15.68 5.65 18.82
C THR A 510 16.29 6.38 20.03
N SER A 511 15.94 7.65 20.17
CA SER A 511 16.34 8.46 21.32
C SER A 511 15.29 8.47 22.44
N ASP A 512 14.19 7.74 22.23
CA ASP A 512 13.15 7.61 23.26
C ASP A 512 13.60 6.63 24.35
N LYS A 513 13.90 7.18 25.52
CA LYS A 513 14.40 6.41 26.67
C LYS A 513 13.40 5.34 27.14
N ASP A 514 12.11 5.68 27.13
CA ASP A 514 11.06 4.74 27.48
C ASP A 514 10.97 3.57 26.51
N ALA A 515 11.13 3.86 25.22
CA ALA A 515 11.16 2.83 24.20
C ALA A 515 12.32 1.88 24.42
N ILE A 516 13.50 2.45 24.66
CA ILE A 516 14.71 1.67 24.90
C ILE A 516 14.53 0.72 26.08
N GLU A 517 14.08 1.27 27.20
CA GLU A 517 13.90 0.49 28.42
C GLU A 517 12.88 -0.64 28.24
N THR A 518 11.76 -0.35 27.57
CA THR A 518 10.73 -1.35 27.27
C THR A 518 11.21 -2.41 26.29
N ILE A 519 11.96 -2.01 25.25
CA ILE A 519 12.55 -2.96 24.31
C ILE A 519 13.54 -3.89 25.04
N ARG A 520 14.40 -3.30 25.87
CA ARG A 520 15.38 -4.05 26.66
C ARG A 520 14.72 -5.10 27.57
N ALA A 521 13.59 -4.75 28.18
CA ALA A 521 12.87 -5.67 29.07
C ALA A 521 12.37 -6.91 28.32
N ILE A 522 12.07 -6.76 27.03
CA ILE A 522 11.49 -7.83 26.23
C ILE A 522 12.51 -8.58 25.36
N TYR A 523 13.42 -7.84 24.74
CA TYR A 523 14.40 -8.44 23.83
C TYR A 523 15.79 -8.62 24.43
N GLY A 524 16.01 -8.06 25.61
CA GLY A 524 17.35 -8.05 26.21
C GLY A 524 18.23 -7.03 25.49
N ASP A 525 19.50 -7.39 25.28
CA ASP A 525 20.39 -6.56 24.47
C ASP A 525 20.73 -7.24 23.14
N ASP A 526 19.89 -8.19 22.73
CA ASP A 526 20.09 -8.88 21.46
C ASP A 526 19.37 -8.13 20.34
N VAL A 527 20.11 -7.29 19.62
CA VAL A 527 19.55 -6.49 18.54
C VAL A 527 19.06 -7.34 17.36
N GLU A 528 19.57 -8.57 17.26
CA GLU A 528 19.14 -9.49 16.20
C GLU A 528 17.74 -10.08 16.45
N LYS A 529 17.26 -9.94 17.68
CA LYS A 529 15.96 -10.46 18.09
C LYS A 529 14.80 -9.52 17.76
N LEU A 530 15.09 -8.23 17.74
CA LEU A 530 14.09 -7.20 17.50
C LEU A 530 13.25 -7.51 16.26
N ASP A 531 11.94 -7.61 16.47
CA ASP A 531 11.01 -7.87 15.40
C ASP A 531 10.97 -6.72 14.41
N LEU A 532 10.73 -7.08 13.16
CA LEU A 532 10.72 -6.11 12.08
C LEU A 532 9.70 -5.00 12.33
N LEU A 533 8.44 -5.40 12.59
CA LEU A 533 7.37 -4.43 12.82
C LEU A 533 7.73 -3.45 13.95
N VAL A 534 8.25 -3.97 15.05
CA VAL A 534 8.64 -3.11 16.18
C VAL A 534 9.71 -2.11 15.76
N GLY A 535 10.72 -2.60 15.03
CA GLY A 535 11.81 -1.75 14.55
C GLY A 535 11.31 -0.68 13.60
N LEU A 536 10.45 -1.07 12.66
CA LEU A 536 9.88 -0.11 11.70
C LEU A 536 9.10 1.00 12.38
N MET A 537 8.36 0.67 13.44
CA MET A 537 7.57 1.66 14.21
C MET A 537 8.47 2.56 15.07
N ALA A 538 9.47 1.97 15.72
CA ALA A 538 10.32 2.69 16.68
C ALA A 538 11.37 3.55 16.01
N GLU A 539 11.82 3.16 14.83
CA GLU A 539 12.95 3.82 14.15
C GLU A 539 12.75 5.34 14.07
N LYS A 540 13.75 6.09 14.53
CA LYS A 540 13.77 7.55 14.43
C LYS A 540 13.54 7.98 12.98
N LYS A 541 12.63 8.93 12.77
CA LYS A 541 12.23 9.29 11.42
C LYS A 541 12.95 10.50 10.81
N ILE A 542 13.17 10.42 9.50
CA ILE A 542 13.61 11.55 8.72
C ILE A 542 12.55 12.66 8.85
N LYS A 543 12.99 13.90 9.02
CA LYS A 543 12.08 15.05 9.05
C LYS A 543 11.16 15.03 7.82
N GLY A 544 9.85 15.04 8.06
CA GLY A 544 8.87 15.00 6.97
C GLY A 544 8.41 13.61 6.57
N PHE A 545 9.15 12.58 6.99
CA PHE A 545 8.81 11.19 6.65
C PHE A 545 7.82 10.62 7.64
N ALA A 546 6.70 10.09 7.15
CA ALA A 546 5.75 9.40 8.01
C ALA A 546 6.17 7.95 8.29
N ILE A 547 7.14 7.46 7.51
CA ILE A 547 7.59 6.08 7.61
C ILE A 547 9.08 6.02 7.96
N SER A 548 9.53 4.84 8.38
CA SER A 548 10.96 4.61 8.62
C SER A 548 11.74 4.58 7.30
N GLU A 549 13.04 4.90 7.40
CA GLU A 549 13.93 4.79 6.27
C GLU A 549 14.04 3.33 5.79
N THR A 550 14.02 2.39 6.73
CA THR A 550 14.08 0.98 6.38
C THR A 550 12.93 0.59 5.44
N ALA A 551 11.70 0.94 5.82
CA ALA A 551 10.53 0.65 4.98
C ALA A 551 10.65 1.35 3.63
N PHE A 552 11.07 2.61 3.67
CA PHE A 552 11.24 3.43 2.47
C PHE A 552 12.13 2.73 1.43
N ASN A 553 13.15 2.02 1.89
CA ASN A 553 14.05 1.31 0.97
C ASN A 553 13.39 0.24 0.13
N ILE A 554 12.43 -0.49 0.71
CA ILE A 554 11.59 -1.40 -0.08
C ILE A 554 10.75 -0.62 -1.09
N PHE A 555 10.21 0.54 -0.69
CA PHE A 555 9.42 1.43 -1.56
C PHE A 555 10.22 1.89 -2.78
N ILE A 556 11.44 2.40 -2.55
CA ILE A 556 12.37 2.81 -3.63
C ILE A 556 12.34 1.78 -4.76
N LEU A 557 12.52 0.51 -4.38
CA LEU A 557 12.58 -0.57 -5.34
C LEU A 557 11.21 -0.92 -5.90
N MET A 558 10.27 -1.24 -5.03
CA MET A 558 8.98 -1.81 -5.43
C MET A 558 8.01 -0.82 -6.08
N ALA A 559 7.94 0.42 -5.60
CA ALA A 559 7.05 1.41 -6.22
C ALA A 559 7.46 1.71 -7.66
N SER A 560 8.78 1.79 -7.90
CA SER A 560 9.29 1.97 -9.24
C SER A 560 8.91 0.77 -10.10
N ARG A 561 9.09 -0.42 -9.53
CA ARG A 561 8.89 -1.68 -10.24
C ARG A 561 7.45 -1.85 -10.72
N ARG A 562 6.49 -1.39 -9.92
CA ARG A 562 5.06 -1.58 -10.23
C ARG A 562 4.62 -0.74 -11.42
N LEU A 563 5.38 0.30 -11.72
CA LEU A 563 5.15 1.09 -12.93
C LEU A 563 5.95 0.52 -14.10
N GLU A 564 7.27 0.39 -13.91
CA GLU A 564 8.21 0.01 -14.97
C GLU A 564 7.96 -1.40 -15.57
N ALA A 565 7.48 -2.34 -14.75
CA ALA A 565 7.22 -3.71 -15.20
C ALA A 565 5.89 -3.89 -15.95
N ASP A 566 5.05 -2.86 -15.94
CA ASP A 566 3.68 -2.96 -16.47
C ASP A 566 3.58 -2.48 -17.92
N ARG A 567 3.14 -3.36 -18.81
CA ARG A 567 2.97 -3.02 -20.22
C ARG A 567 2.05 -1.81 -20.42
N PHE A 568 1.03 -1.68 -19.57
CA PHE A 568 0.04 -0.62 -19.74
C PHE A 568 0.45 0.73 -19.17
N PHE A 569 1.60 0.77 -18.49
CA PHE A 569 2.22 2.05 -18.10
C PHE A 569 3.44 2.37 -18.97
N THR A 570 3.75 1.48 -19.91
CA THR A 570 4.95 1.64 -20.72
C THR A 570 4.65 1.53 -22.21
N SER A 571 4.84 0.32 -22.79
CA SER A 571 4.59 0.06 -24.21
CA SER A 571 4.63 0.13 -24.23
C SER A 571 3.22 0.50 -24.67
N ASN A 572 2.22 0.23 -23.84
CA ASN A 572 0.84 0.53 -24.20
C ASN A 572 0.22 1.71 -23.44
N PHE A 573 1.06 2.59 -22.91
CA PHE A 573 0.57 3.82 -22.32
C PHE A 573 0.44 4.82 -23.45
N ASN A 574 -0.63 4.68 -24.23
CA ASN A 574 -0.83 5.56 -25.39
C ASN A 574 -2.31 5.75 -25.70
N GLU A 575 -2.59 6.67 -26.62
CA GLU A 575 -3.95 7.01 -27.04
C GLU A 575 -4.66 5.86 -27.73
N GLU A 576 -3.91 5.06 -28.47
CA GLU A 576 -4.45 3.88 -29.15
C GLU A 576 -5.03 2.88 -28.14
N THR A 577 -4.35 2.70 -27.02
CA THR A 577 -4.78 1.71 -26.02
C THR A 577 -5.87 2.24 -25.06
N TYR A 578 -5.76 3.52 -24.71
CA TYR A 578 -6.62 4.14 -23.70
C TYR A 578 -7.78 4.95 -24.28
N THR A 579 -7.72 5.19 -25.60
CA THR A 579 -8.45 6.26 -26.31
C THR A 579 -7.84 7.63 -26.04
N LYS A 580 -8.08 8.57 -26.94
CA LYS A 580 -7.58 9.93 -26.82
C LYS A 580 -8.19 10.62 -25.59
N LYS A 581 -9.51 10.55 -25.46
CA LYS A 581 -10.20 11.15 -24.32
C LYS A 581 -9.80 10.46 -23.02
N GLY A 582 -9.68 9.13 -23.06
CA GLY A 582 -9.18 8.37 -21.91
C GLY A 582 -7.80 8.82 -21.46
N MET A 583 -6.88 9.00 -22.42
CA MET A 583 -5.52 9.45 -22.09
C MET A 583 -5.52 10.87 -21.52
N GLN A 584 -6.33 11.76 -22.10
CA GLN A 584 -6.48 13.14 -21.60
C GLN A 584 -7.01 13.16 -20.16
N TRP A 585 -7.91 12.22 -19.85
CA TRP A 585 -8.48 12.11 -18.52
C TRP A 585 -7.36 11.84 -17.49
N VAL A 586 -6.49 10.88 -17.81
CA VAL A 586 -5.31 10.55 -16.98
C VAL A 586 -4.35 11.74 -16.88
N LYS A 587 -4.06 12.36 -18.02
CA LYS A 587 -3.05 13.44 -18.08
C LYS A 587 -3.47 14.69 -17.31
N THR A 588 -4.79 14.91 -17.16
CA THR A 588 -5.30 16.12 -16.51
C THR A 588 -5.72 15.90 -15.05
N THR A 589 -5.53 14.69 -14.53
CA THR A 589 -5.88 14.36 -13.15
C THR A 589 -4.59 14.25 -12.33
N GLU A 590 -4.42 15.13 -11.32
CA GLU A 590 -3.13 15.25 -10.60
C GLU A 590 -3.13 14.68 -9.19
N GLY A 591 -4.32 14.43 -8.64
CA GLY A 591 -4.41 13.98 -7.25
C GLY A 591 -5.84 13.66 -6.86
N LEU A 592 -6.00 13.21 -5.62
CA LEU A 592 -7.31 12.89 -5.09
C LEU A 592 -8.23 14.12 -5.10
N ARG A 593 -7.68 15.30 -4.85
CA ARG A 593 -8.46 16.53 -4.92
C ARG A 593 -9.28 16.60 -6.23
N ASP A 594 -8.62 16.30 -7.35
CA ASP A 594 -9.27 16.36 -8.66
C ASP A 594 -10.43 15.40 -8.80
N VAL A 595 -10.29 14.22 -8.22
CA VAL A 595 -11.33 13.21 -8.27
C VAL A 595 -12.51 13.63 -7.36
N ILE A 596 -12.23 13.99 -6.11
CA ILE A 596 -13.27 14.47 -5.20
C ILE A 596 -14.01 15.69 -5.79
N ASN A 597 -13.26 16.62 -6.37
CA ASN A 597 -13.86 17.80 -6.98
C ASN A 597 -14.81 17.47 -8.14
N ARG A 598 -14.47 16.45 -8.92
CA ARG A 598 -15.32 16.03 -10.02
C ARG A 598 -16.71 15.63 -9.56
N HIS A 599 -16.78 14.92 -8.43
CA HIS A 599 -18.05 14.31 -7.99
C HIS A 599 -18.68 15.03 -6.81
N TYR A 600 -17.87 15.78 -6.07
CA TYR A 600 -18.32 16.51 -4.89
C TYR A 600 -17.70 17.90 -4.86
N PRO A 601 -18.02 18.73 -5.87
CA PRO A 601 -17.42 20.06 -5.95
C PRO A 601 -17.85 20.99 -4.83
N GLU A 602 -19.02 20.74 -4.22
CA GLU A 602 -19.54 21.61 -3.18
C GLU A 602 -18.72 21.58 -1.89
N ILE A 603 -18.49 20.40 -1.31
CA ILE A 603 -17.64 20.33 -0.10
C ILE A 603 -16.19 20.70 -0.41
N THR A 604 -15.77 20.45 -1.65
CA THR A 604 -14.41 20.82 -2.08
C THR A 604 -14.23 22.32 -2.01
N ALA A 605 -15.14 23.07 -2.66
CA ALA A 605 -15.06 24.53 -2.67
C ALA A 605 -15.23 25.16 -1.27
N LYS A 606 -16.10 24.58 -0.46
CA LYS A 606 -16.41 25.16 0.85
C LYS A 606 -15.34 24.86 1.90
N TRP A 607 -14.77 23.66 1.85
CA TRP A 607 -13.98 23.14 2.97
C TRP A 607 -12.58 22.63 2.65
N MET A 608 -12.31 22.28 1.40
CA MET A 608 -10.98 21.76 1.08
C MET A 608 -10.05 22.92 0.74
N LYS A 609 -9.26 23.34 1.73
CA LYS A 609 -8.38 24.50 1.58
C LYS A 609 -6.95 24.09 1.20
N SER A 610 -6.53 22.89 1.61
CA SER A 610 -5.19 22.39 1.34
C SER A 610 -5.07 21.97 -0.13
N SER A 611 -3.88 22.11 -0.73
CA SER A 611 -3.65 21.72 -2.12
CA SER A 611 -3.71 21.73 -2.13
C SER A 611 -3.95 20.24 -2.33
N SER A 612 -3.49 19.43 -1.38
CA SER A 612 -3.72 17.99 -1.43
C SER A 612 -4.90 17.59 -0.56
N ALA A 613 -5.74 16.71 -1.08
CA ALA A 613 -6.85 16.17 -0.31
C ALA A 613 -6.37 15.17 0.73
N PHE A 614 -5.07 14.87 0.72
CA PHE A 614 -4.49 13.96 1.71
C PHE A 614 -3.94 14.70 2.93
N SER A 615 -3.71 16.01 2.78
CA SER A 615 -3.38 16.86 3.93
C SER A 615 -4.66 17.04 4.75
N VAL A 616 -4.53 17.27 6.06
CA VAL A 616 -5.68 17.75 6.83
C VAL A 616 -6.18 18.98 6.08
N TRP A 617 -7.48 19.03 5.81
CA TRP A 617 -8.01 19.95 4.80
C TRP A 617 -7.87 21.46 5.09
N ASP A 618 -7.50 21.82 6.31
CA ASP A 618 -7.22 23.23 6.58
C ASP A 618 -5.72 23.54 6.64
N ALA A 619 -4.89 22.62 6.13
CA ALA A 619 -3.44 22.86 6.05
C ALA A 619 -3.17 24.07 5.17
N ASP A 620 -2.17 24.85 5.57
CA ASP A 620 -1.84 26.12 4.92
C ASP A 620 -0.88 25.96 3.73
N TYR A 621 -1.03 24.87 2.97
CA TYR A 621 -0.19 24.64 1.80
C TYR A 621 -0.86 23.64 0.87
#